data_6J3X
#
_entry.id   6J3X
#
_cell.length_a   46.320
_cell.length_b   64.650
_cell.length_c   169.010
_cell.angle_alpha   90.00
_cell.angle_beta   90.00
_cell.angle_gamma   90.00
#
_symmetry.space_group_name_H-M   'P 21 21 21'
#
loop_
_entity.id
_entity.type
_entity.pdbx_description
1 polymer 'Glucan 1,4-alpha-maltotetraohydrolase'
2 branched alpha-D-glucopyranose-(1-4)-alpha-D-glucopyranose-(1-4)-alpha-D-glucopyranose
3 non-polymer 'CALCIUM ION'
4 non-polymer 1,2-ETHANEDIOL
5 water water
#
_entity_poly.entity_id   1
_entity_poly.type   'polypeptide(L)'
_entity_poly.pdbx_seq_one_letter_code
;DQAGKSPAGVRYHGGDEIILQGFHWNVVREAPNDWYNILRQQASTIAADGFSAIWMPVPWRDFSSWTDGGKSGGGEGYFW
HDFNKNGRYGSDAQLRQAAGALGGAGVKVLYDVVPNHMNRGYPDKEINLPAGQGFWRNDCADPGNYPNDCDDGDRFIGGE
SDLNTGHPQIYGMFRDELANLRSGYGAGGFRFDFVRGYAPERVNSWMTDSADSSFCVGELWKGPSEYPSWDWRNTASWQQ
IIKDWSDRAKCPVFDFALKERMQNGSVADWKHGLNGNPDPRWREVAVTFVDNHDTGYSPGQNGGQHHWALQDGLIRQAYA
YILTSPGTPVVYWSHMYDWGYGDFIRQLIQVRRTAGVRADSAISFHSGYSGLVATVSGSQQTLVVALNSDLANPGQVASG
SFSEAVNASNGQVRVWRSGSGDGGGNDGGEGGLVNVNFRCDNGVTQMGDSVYAVGNVSQLGNWSPASAVRLTDTSSYPTW
KGSIALPDGQNVEWKCLIRNEADATLVRQWQSGGNNQVQAAAGASTSGSF
;
_entity_poly.pdbx_strand_id   A
#
loop_
_chem_comp.id
_chem_comp.type
_chem_comp.name
_chem_comp.formula
CA non-polymer 'CALCIUM ION' 'Ca 2'
EDO non-polymer 1,2-ETHANEDIOL 'C2 H6 O2'
GLC D-saccharide, alpha linking alpha-D-glucopyranose 'C6 H12 O6'
#
# COMPACT_ATOMS: atom_id res chain seq x y z
N ASP A 1 20.45 0.66 3.03
CA ASP A 1 19.26 0.11 2.32
C ASP A 1 19.60 -1.22 1.66
N GLN A 2 19.12 -2.30 2.25
CA GLN A 2 19.30 -3.63 1.66
C GLN A 2 18.36 -3.79 0.48
N ALA A 3 18.88 -4.31 -0.62
CA ALA A 3 18.04 -4.77 -1.71
C ALA A 3 17.85 -6.26 -1.56
N GLY A 4 17.12 -6.86 -2.49
CA GLY A 4 17.07 -8.30 -2.50
C GLY A 4 15.67 -8.83 -2.30
N LYS A 5 15.37 -9.92 -2.99
CA LYS A 5 14.10 -10.61 -2.83
C LYS A 5 14.11 -11.51 -1.60
N SER A 6 12.92 -11.98 -1.22
CA SER A 6 12.78 -12.86 -0.09
C SER A 6 13.30 -14.25 -0.42
N PRO A 7 13.42 -15.13 0.59
CA PRO A 7 13.80 -16.53 0.30
C PRO A 7 12.88 -17.21 -0.70
N ALA A 8 11.64 -16.75 -0.85
CA ALA A 8 10.72 -17.34 -1.81
C ALA A 8 10.60 -16.54 -3.09
N GLY A 9 11.48 -15.56 -3.28
CA GLY A 9 11.49 -14.74 -4.48
C GLY A 9 10.51 -13.59 -4.51
N VAL A 10 9.97 -13.19 -3.35
CA VAL A 10 9.00 -12.11 -3.30
C VAL A 10 9.74 -10.78 -3.25
N ARG A 11 9.23 -9.78 -3.97
CA ARG A 11 9.97 -8.53 -4.20
C ARG A 11 9.69 -7.50 -3.10
N TYR A 12 10.20 -7.81 -1.90
CA TYR A 12 10.04 -6.93 -0.74
C TYR A 12 11.27 -6.00 -0.53
N HIS A 13 12.14 -5.89 -1.54
CA HIS A 13 13.37 -5.04 -1.55
C HIS A 13 14.08 -4.99 -0.19
N GLY A 14 14.59 -6.12 0.22
CA GLY A 14 15.37 -6.22 1.42
C GLY A 14 14.56 -6.32 2.70
N GLY A 15 13.25 -6.08 2.65
CA GLY A 15 12.43 -6.16 3.84
C GLY A 15 12.59 -5.02 4.81
N ASP A 16 13.27 -3.95 4.41
CA ASP A 16 13.62 -2.87 5.32
C ASP A 16 12.98 -1.55 4.92
N GLU A 17 11.92 -1.56 4.12
CA GLU A 17 11.34 -0.32 3.69
C GLU A 17 10.39 0.26 4.73
N ILE A 18 10.29 1.58 4.72
CA ILE A 18 9.31 2.34 5.49
C ILE A 18 8.71 3.35 4.50
N ILE A 19 7.44 3.21 4.19
CA ILE A 19 6.85 3.88 3.04
C ILE A 19 5.92 5.01 3.48
N LEU A 20 5.98 6.11 2.75
CA LEU A 20 5.00 7.19 2.86
C LEU A 20 4.02 7.11 1.69
N GLN A 21 2.73 7.09 1.99
CA GLN A 21 1.76 7.32 0.94
C GLN A 21 1.75 8.82 0.64
N GLY A 22 2.17 9.19 -0.55
CA GLY A 22 2.51 10.58 -0.79
C GLY A 22 1.41 11.44 -1.35
N PHE A 23 0.16 11.14 -0.98
CA PHE A 23 -0.99 11.91 -1.44
C PHE A 23 -2.19 11.51 -0.60
N HIS A 24 -3.27 12.27 -0.73
CA HIS A 24 -4.60 11.89 -0.25
C HIS A 24 -5.60 12.09 -1.39
N TRP A 25 -6.85 11.73 -1.14
CA TRP A 25 -7.82 11.64 -2.24
C TRP A 25 -8.09 12.98 -2.90
N ASN A 26 -8.04 14.09 -2.16
CA ASN A 26 -8.51 15.35 -2.69
C ASN A 26 -7.37 16.26 -3.12
N VAL A 27 -6.16 15.72 -3.28
CA VAL A 27 -5.02 16.54 -3.64
C VAL A 27 -5.29 17.31 -4.94
N VAL A 28 -5.91 16.68 -5.93
CA VAL A 28 -6.09 17.35 -7.22
C VAL A 28 -7.02 18.53 -7.09
N ARG A 29 -7.83 18.57 -6.04
CA ARG A 29 -8.73 19.70 -5.78
C ARG A 29 -8.17 20.67 -4.76
N GLU A 30 -7.40 20.22 -3.78
CA GLU A 30 -6.87 21.10 -2.76
C GLU A 30 -5.60 21.83 -3.20
N ALA A 31 -4.82 21.25 -4.10
CA ALA A 31 -3.58 21.88 -4.58
C ALA A 31 -3.51 21.72 -6.09
N PRO A 32 -4.40 22.39 -6.81
CA PRO A 32 -4.56 22.11 -8.25
C PRO A 32 -3.25 22.29 -9.01
N ASN A 33 -2.89 21.27 -9.79
CA ASN A 33 -1.71 21.28 -10.66
C ASN A 33 -0.41 21.60 -9.93
N ASP A 34 -0.35 21.40 -8.61
CA ASP A 34 0.79 21.83 -7.82
C ASP A 34 1.37 20.74 -6.93
N TRP A 35 0.86 19.51 -6.98
CA TRP A 35 1.30 18.55 -5.97
C TRP A 35 2.75 18.13 -6.19
N TYR A 36 3.15 17.89 -7.44
CA TYR A 36 4.54 17.53 -7.67
C TYR A 36 5.49 18.62 -7.18
N ASN A 37 5.11 19.89 -7.37
CA ASN A 37 5.92 20.98 -6.85
C ASN A 37 6.06 20.89 -5.33
N ILE A 38 4.97 20.54 -4.65
CA ILE A 38 4.97 20.40 -3.21
C ILE A 38 5.87 19.25 -2.79
N LEU A 39 5.75 18.11 -3.47
CA LEU A 39 6.60 16.99 -3.09
C LEU A 39 8.07 17.29 -3.30
N ARG A 40 8.40 18.04 -4.36
CA ARG A 40 9.79 18.42 -4.58
C ARG A 40 10.31 19.26 -3.42
N GLN A 41 9.51 20.23 -2.98
CA GLN A 41 9.92 21.10 -1.89
C GLN A 41 10.03 20.32 -0.59
N GLN A 42 9.18 19.32 -0.41
CA GLN A 42 9.14 18.55 0.83
C GLN A 42 10.08 17.36 0.83
N ALA A 43 10.79 17.10 -0.27
CA ALA A 43 11.55 15.86 -0.38
C ALA A 43 12.54 15.71 0.78
N SER A 44 13.28 16.78 1.12
CA SER A 44 14.28 16.69 2.18
C SER A 44 13.64 16.42 3.54
N THR A 45 12.44 16.96 3.77
CA THR A 45 11.73 16.70 5.02
C THR A 45 11.25 15.27 5.11
N ILE A 46 10.73 14.73 4.01
CA ILE A 46 10.27 13.34 3.98
C ILE A 46 11.43 12.41 4.30
N ALA A 47 12.58 12.68 3.71
CA ALA A 47 13.76 11.87 3.99
C ALA A 47 14.18 12.01 5.45
N ALA A 48 14.17 13.25 5.97
CA ALA A 48 14.59 13.46 7.34
C ALA A 48 13.64 12.81 8.34
N ASP A 49 12.38 12.64 7.97
CA ASP A 49 11.41 11.96 8.80
C ASP A 49 11.62 10.45 8.82
N GLY A 50 12.49 9.91 7.99
CA GLY A 50 12.87 8.52 8.09
C GLY A 50 12.28 7.58 7.05
N PHE A 51 11.58 8.11 6.05
CA PHE A 51 10.98 7.27 5.03
C PHE A 51 12.03 6.81 4.04
N SER A 52 11.94 5.55 3.64
CA SER A 52 12.82 5.05 2.59
C SER A 52 12.18 5.05 1.21
N ALA A 53 10.87 5.25 1.14
CA ALA A 53 10.13 5.14 -0.11
C ALA A 53 8.87 6.00 -0.02
N ILE A 54 8.42 6.45 -1.17
CA ILE A 54 7.18 7.20 -1.29
C ILE A 54 6.32 6.60 -2.39
N TRP A 55 5.06 6.33 -2.05
CA TRP A 55 4.04 5.86 -2.99
C TRP A 55 3.42 7.11 -3.64
N MET A 56 3.70 7.27 -4.91
CA MET A 56 3.26 8.41 -5.71
C MET A 56 1.88 8.16 -6.29
N PRO A 57 1.11 9.21 -6.58
CA PRO A 57 -0.17 9.01 -7.24
C PRO A 57 0.03 8.45 -8.63
N VAL A 58 -1.06 7.94 -9.18
CA VAL A 58 -1.03 7.46 -10.55
C VAL A 58 -0.52 8.57 -11.45
N PRO A 59 0.54 8.34 -12.24
CA PRO A 59 1.15 9.43 -13.00
C PRO A 59 0.46 9.70 -14.34
N TRP A 60 -0.43 8.80 -14.77
CA TRP A 60 -1.15 8.89 -16.04
C TRP A 60 -2.31 9.87 -15.92
N ARG A 61 -2.41 10.80 -16.87
CA ARG A 61 -3.38 11.88 -16.72
C ARG A 61 -4.82 11.37 -16.73
N ASP A 62 -5.64 12.02 -15.90
CA ASP A 62 -7.01 11.61 -15.60
C ASP A 62 -7.80 12.91 -15.57
N PHE A 63 -8.68 13.13 -16.57
CA PHE A 63 -9.54 14.31 -16.59
C PHE A 63 -11.01 13.91 -16.50
N SER A 64 -11.28 12.76 -15.88
CA SER A 64 -12.63 12.28 -15.64
C SER A 64 -13.33 13.14 -14.58
N SER A 65 -14.64 12.98 -14.52
CA SER A 65 -15.49 13.79 -13.64
C SER A 65 -16.82 13.08 -13.50
N TRP A 66 -17.32 13.00 -12.26
CA TRP A 66 -18.58 12.33 -12.01
C TRP A 66 -19.27 12.95 -10.82
N THR A 67 -20.58 12.67 -10.73
CA THR A 67 -21.42 13.12 -9.62
C THR A 67 -22.46 12.05 -9.29
N LYS A 71 -22.21 13.50 -3.79
CA LYS A 71 -20.81 13.15 -3.94
C LYS A 71 -20.32 13.48 -5.35
N SER A 72 -19.03 13.83 -5.46
CA SER A 72 -18.42 14.13 -6.75
C SER A 72 -16.96 13.71 -6.69
N GLY A 73 -16.38 13.54 -7.86
CA GLY A 73 -14.96 13.27 -7.91
C GLY A 73 -14.47 13.18 -9.33
N GLY A 74 -13.23 12.71 -9.47
CA GLY A 74 -12.63 12.57 -10.77
C GLY A 74 -11.24 13.19 -10.80
N GLY A 75 -10.41 12.71 -11.71
CA GLY A 75 -9.11 13.31 -11.90
C GLY A 75 -8.00 12.74 -11.06
N GLU A 76 -8.30 11.81 -10.16
CA GLU A 76 -7.34 11.36 -9.18
C GLU A 76 -6.33 10.37 -9.75
N GLY A 77 -6.58 9.82 -10.93
CA GLY A 77 -5.64 8.93 -11.59
C GLY A 77 -6.18 7.54 -11.85
N TYR A 78 -7.24 7.12 -11.14
CA TYR A 78 -7.78 5.76 -11.26
C TYR A 78 -8.71 5.61 -12.47
N PHE A 79 -8.91 6.67 -13.25
CA PHE A 79 -9.62 6.59 -14.53
C PHE A 79 -8.86 7.40 -15.57
N TRP A 80 -7.56 7.12 -15.67
CA TRP A 80 -6.67 7.74 -16.64
C TRP A 80 -7.13 7.43 -18.07
N HIS A 81 -6.79 8.35 -18.99
CA HIS A 81 -7.09 8.09 -20.39
C HIS A 81 -5.89 7.85 -21.29
N ASP A 82 -4.69 8.25 -20.88
CA ASP A 82 -3.47 7.74 -21.52
C ASP A 82 -2.30 7.94 -20.59
N PHE A 83 -1.08 7.66 -21.07
CA PHE A 83 0.10 7.68 -20.23
C PHE A 83 0.77 9.04 -20.16
N ASN A 84 0.24 10.04 -20.87
CA ASN A 84 0.78 11.40 -20.79
C ASN A 84 0.77 11.85 -19.32
N LYS A 85 1.88 12.44 -18.88
CA LYS A 85 2.10 12.75 -17.48
C LYS A 85 1.63 14.15 -17.10
N ASN A 86 1.10 14.90 -18.05
CA ASN A 86 0.64 16.26 -17.80
C ASN A 86 -0.79 16.17 -17.31
N GLY A 87 -0.92 15.82 -16.03
CA GLY A 87 -2.22 15.61 -15.43
C GLY A 87 -2.52 16.58 -14.30
N ARG A 88 -3.42 16.20 -13.38
CA ARG A 88 -3.89 17.13 -12.37
C ARG A 88 -2.96 17.24 -11.17
N TYR A 89 -1.91 16.43 -11.11
CA TYR A 89 -0.90 16.56 -10.04
C TYR A 89 0.24 17.47 -10.44
N GLY A 90 0.35 17.80 -11.71
CA GLY A 90 1.44 18.62 -12.18
C GLY A 90 1.90 18.18 -13.57
N SER A 91 2.88 18.89 -14.13
CA SER A 91 3.30 18.59 -15.49
C SER A 91 4.32 17.46 -15.48
N ASP A 92 4.60 16.96 -16.69
CA ASP A 92 5.68 15.98 -16.87
C ASP A 92 7.00 16.49 -16.33
N ALA A 93 7.34 17.75 -16.63
CA ALA A 93 8.58 18.32 -16.13
C ALA A 93 8.61 18.37 -14.62
N GLN A 94 7.48 18.75 -14.02
CA GLN A 94 7.44 18.82 -12.57
C GLN A 94 7.53 17.45 -11.92
N LEU A 95 6.96 16.42 -12.56
CA LEU A 95 7.09 15.06 -12.04
C LEU A 95 8.55 14.65 -12.04
N ARG A 96 9.25 14.87 -13.15
CA ARG A 96 10.66 14.49 -13.21
C ARG A 96 11.47 15.23 -12.15
N GLN A 97 11.16 16.50 -11.89
CA GLN A 97 11.89 17.25 -10.87
C GLN A 97 11.60 16.71 -9.46
N ALA A 98 10.34 16.37 -9.20
CA ALA A 98 9.97 15.80 -7.90
C ALA A 98 10.62 14.45 -7.70
N ALA A 99 10.55 13.58 -8.71
CA ALA A 99 11.16 12.26 -8.58
C ALA A 99 12.67 12.37 -8.39
N GLY A 100 13.31 13.33 -9.07
CA GLY A 100 14.74 13.51 -8.91
C GLY A 100 15.10 14.02 -7.53
N ALA A 101 14.29 14.93 -6.99
CA ALA A 101 14.54 15.45 -5.66
C ALA A 101 14.37 14.36 -4.60
N LEU A 102 13.30 13.55 -4.74
CA LEU A 102 13.06 12.47 -3.80
C LEU A 102 14.17 11.44 -3.83
N GLY A 103 14.55 11.00 -5.04
CA GLY A 103 15.68 10.08 -5.15
C GLY A 103 16.97 10.68 -4.63
N GLY A 104 17.23 11.94 -4.94
CA GLY A 104 18.42 12.59 -4.44
C GLY A 104 18.47 12.65 -2.93
N ALA A 105 17.31 12.64 -2.29
CA ALA A 105 17.24 12.65 -0.84
C ALA A 105 17.25 11.25 -0.24
N GLY A 106 17.29 10.21 -1.06
CA GLY A 106 17.33 8.85 -0.56
C GLY A 106 16.00 8.16 -0.49
N VAL A 107 14.97 8.69 -1.12
CA VAL A 107 13.62 8.16 -1.03
C VAL A 107 13.29 7.52 -2.36
N LYS A 108 13.03 6.21 -2.34
CA LYS A 108 12.67 5.51 -3.58
C LYS A 108 11.24 5.88 -3.98
N VAL A 109 11.03 6.00 -5.27
CA VAL A 109 9.77 6.48 -5.83
C VAL A 109 8.98 5.28 -6.34
N LEU A 110 7.82 5.04 -5.74
CA LEU A 110 6.94 3.95 -6.16
C LEU A 110 5.73 4.54 -6.87
N TYR A 111 5.44 4.11 -8.06
CA TYR A 111 4.30 4.65 -8.78
C TYR A 111 3.08 3.74 -8.64
N ASP A 112 1.93 4.33 -8.30
CA ASP A 112 0.63 3.69 -8.45
C ASP A 112 0.33 3.46 -9.93
N VAL A 113 0.05 2.21 -10.32
CA VAL A 113 -0.30 1.90 -11.69
C VAL A 113 -1.62 1.13 -11.71
N VAL A 114 -2.41 1.35 -12.76
CA VAL A 114 -3.82 0.99 -12.81
C VAL A 114 -4.06 0.24 -14.10
N PRO A 115 -3.66 -1.04 -14.20
CA PRO A 115 -3.78 -1.76 -15.46
C PRO A 115 -5.17 -2.26 -15.79
N ASN A 116 -6.08 -2.30 -14.82
CA ASN A 116 -7.34 -3.02 -15.04
C ASN A 116 -8.26 -2.35 -16.04
N HIS A 117 -8.23 -1.02 -16.14
CA HIS A 117 -9.24 -0.28 -16.90
C HIS A 117 -8.67 1.08 -17.26
N MET A 118 -9.37 1.78 -18.15
CA MET A 118 -8.99 3.13 -18.55
C MET A 118 -10.25 3.87 -18.97
N ASN A 119 -10.12 5.20 -19.11
CA ASN A 119 -11.26 6.04 -19.46
C ASN A 119 -11.49 5.90 -20.95
N ARG A 120 -12.07 4.76 -21.32
CA ARG A 120 -12.32 4.41 -22.71
C ARG A 120 -13.11 5.47 -23.47
N GLY A 121 -14.00 6.18 -22.78
CA GLY A 121 -14.85 7.15 -23.42
C GLY A 121 -14.33 8.58 -23.48
N TYR A 122 -13.11 8.83 -23.05
CA TYR A 122 -12.62 10.20 -23.07
C TYR A 122 -12.35 10.64 -24.50
N PRO A 123 -12.75 11.85 -24.87
CA PRO A 123 -12.73 12.21 -26.31
C PRO A 123 -11.35 12.45 -26.88
N ASP A 124 -10.41 12.99 -26.12
CA ASP A 124 -9.09 13.32 -26.69
C ASP A 124 -7.97 12.67 -25.89
N LYS A 125 -7.45 11.55 -26.41
CA LYS A 125 -6.44 10.77 -25.73
C LYS A 125 -5.50 10.14 -26.76
N GLU A 126 -4.34 9.73 -26.28
CA GLU A 126 -3.30 9.16 -27.13
C GLU A 126 -3.42 7.66 -27.33
N ILE A 127 -4.23 6.96 -26.52
CA ILE A 127 -4.43 5.52 -26.67
C ILE A 127 -5.87 5.30 -27.07
N ASN A 128 -6.07 4.79 -28.28
CA ASN A 128 -7.41 4.58 -28.86
C ASN A 128 -7.46 3.14 -29.32
N LEU A 129 -8.09 2.30 -28.52
CA LEU A 129 -8.19 0.88 -28.77
C LEU A 129 -9.60 0.59 -29.28
N PRO A 130 -9.75 0.17 -30.52
CA PRO A 130 -11.10 -0.12 -31.04
C PRO A 130 -11.67 -1.39 -30.44
N ALA A 131 -12.97 -1.56 -30.66
CA ALA A 131 -13.67 -2.78 -30.31
C ALA A 131 -13.41 -3.88 -31.35
N GLY A 132 -13.71 -5.12 -30.94
CA GLY A 132 -13.71 -6.26 -31.83
C GLY A 132 -12.34 -6.86 -32.14
N GLN A 133 -11.30 -6.49 -31.41
CA GLN A 133 -9.98 -7.06 -31.63
C GLN A 133 -9.44 -7.74 -30.38
N GLY A 134 -10.27 -7.91 -29.35
CA GLY A 134 -9.87 -8.55 -28.12
C GLY A 134 -9.20 -7.63 -27.11
N PHE A 135 -9.26 -6.32 -27.31
CA PHE A 135 -8.54 -5.42 -26.41
C PHE A 135 -9.31 -5.17 -25.12
N TRP A 136 -10.62 -5.43 -25.13
CA TRP A 136 -11.51 -5.03 -24.03
C TRP A 136 -12.25 -6.23 -23.46
N ARG A 137 -12.48 -6.19 -22.15
CA ARG A 137 -13.26 -7.24 -21.52
C ARG A 137 -14.57 -7.50 -22.24
N ASN A 138 -15.28 -6.44 -22.64
CA ASN A 138 -16.62 -6.62 -23.20
C ASN A 138 -16.60 -6.83 -24.71
N ASP A 139 -15.43 -7.10 -25.31
CA ASP A 139 -15.42 -7.73 -26.63
C ASP A 139 -16.01 -9.13 -26.57
N CYS A 140 -16.03 -9.75 -25.39
CA CYS A 140 -16.55 -11.09 -25.15
C CYS A 140 -17.80 -10.96 -24.25
N ALA A 141 -18.61 -12.00 -24.22
CA ALA A 141 -19.79 -11.97 -23.36
C ALA A 141 -19.39 -11.71 -21.91
N ASP A 142 -20.18 -10.87 -21.23
CA ASP A 142 -19.88 -10.39 -19.88
C ASP A 142 -21.10 -10.54 -18.99
N PRO A 143 -21.32 -11.73 -18.43
CA PRO A 143 -22.55 -11.96 -17.67
C PRO A 143 -22.51 -11.50 -16.22
N GLY A 144 -21.34 -11.26 -15.65
CA GLY A 144 -21.28 -10.78 -14.29
C GLY A 144 -19.87 -10.44 -13.87
N ASN A 145 -19.71 -10.11 -12.59
CA ASN A 145 -18.38 -9.71 -12.09
C ASN A 145 -17.53 -10.94 -11.76
N TYR A 146 -16.95 -11.51 -12.81
CA TYR A 146 -16.07 -12.65 -12.71
C TYR A 146 -15.32 -12.76 -14.02
N PRO A 147 -14.28 -13.58 -14.10
CA PRO A 147 -13.48 -13.63 -15.33
C PRO A 147 -14.33 -14.06 -16.52
N ASN A 148 -14.01 -13.49 -17.69
CA ASN A 148 -14.61 -13.93 -18.95
C ASN A 148 -13.50 -14.21 -19.96
N ASP A 149 -13.85 -14.43 -21.23
CA ASP A 149 -12.83 -14.86 -22.19
C ASP A 149 -11.90 -13.74 -22.62
N CYS A 150 -12.15 -12.51 -22.18
CA CYS A 150 -11.34 -11.35 -22.51
C CYS A 150 -10.77 -10.65 -21.28
N ASP A 151 -10.84 -11.27 -20.10
CA ASP A 151 -10.43 -10.62 -18.86
C ASP A 151 -10.32 -11.70 -17.80
N ASP A 152 -9.11 -12.08 -17.39
CA ASP A 152 -8.97 -13.19 -16.47
C ASP A 152 -9.09 -12.78 -15.01
N GLY A 153 -9.64 -11.62 -14.72
CA GLY A 153 -10.02 -11.29 -13.37
C GLY A 153 -11.36 -10.59 -13.30
N ASP A 154 -11.60 -9.92 -12.17
CA ASP A 154 -12.84 -9.23 -11.93
C ASP A 154 -12.90 -7.95 -12.76
N ARG A 155 -14.04 -7.29 -12.68
CA ARG A 155 -14.28 -6.09 -13.47
C ARG A 155 -14.53 -4.91 -12.54
N PHE A 156 -14.27 -3.71 -13.08
CA PHE A 156 -14.50 -2.47 -12.35
C PHE A 156 -15.92 -2.01 -12.63
N ILE A 157 -16.78 -2.10 -11.61
CA ILE A 157 -18.18 -1.74 -11.69
C ILE A 157 -18.79 -2.49 -12.86
N GLY A 158 -19.29 -1.77 -13.88
CA GLY A 158 -19.98 -2.42 -14.98
C GLY A 158 -19.08 -3.16 -15.96
N GLY A 159 -17.78 -2.89 -15.92
CA GLY A 159 -16.85 -3.59 -16.78
C GLY A 159 -16.67 -3.04 -18.18
N GLU A 160 -17.42 -2.01 -18.56
CA GLU A 160 -17.34 -1.46 -19.91
C GLU A 160 -16.00 -0.83 -20.22
N SER A 161 -15.15 -0.57 -19.22
CA SER A 161 -13.84 0.01 -19.47
C SER A 161 -12.69 -0.91 -19.05
N ASP A 162 -12.97 -2.15 -18.67
CA ASP A 162 -11.91 -3.10 -18.35
C ASP A 162 -11.14 -3.49 -19.60
N LEU A 163 -9.82 -3.50 -19.48
CA LEU A 163 -8.93 -3.90 -20.55
C LEU A 163 -8.65 -5.41 -20.46
N ASN A 164 -8.40 -6.01 -21.62
CA ASN A 164 -7.86 -7.37 -21.64
C ASN A 164 -6.35 -7.31 -21.42
N THR A 165 -5.93 -7.30 -20.16
CA THR A 165 -4.50 -7.15 -19.89
C THR A 165 -3.68 -8.34 -20.37
N GLY A 166 -4.32 -9.46 -20.66
CA GLY A 166 -3.61 -10.60 -21.19
C GLY A 166 -3.42 -10.59 -22.69
N HIS A 167 -4.10 -9.70 -23.40
CA HIS A 167 -3.85 -9.51 -24.83
C HIS A 167 -2.40 -9.10 -25.03
N PRO A 168 -1.65 -9.77 -25.92
CA PRO A 168 -0.21 -9.43 -26.04
C PRO A 168 0.04 -7.96 -26.28
N GLN A 169 -0.83 -7.27 -27.02
CA GLN A 169 -0.60 -5.86 -27.29
C GLN A 169 -0.79 -5.01 -26.03
N ILE A 170 -1.81 -5.35 -25.23
CA ILE A 170 -2.10 -4.61 -24.01
C ILE A 170 -1.09 -4.95 -22.92
N TYR A 171 -0.77 -6.23 -22.76
CA TYR A 171 0.31 -6.62 -21.87
C TYR A 171 1.57 -5.82 -22.18
N GLY A 172 1.94 -5.78 -23.47
CA GLY A 172 3.16 -5.09 -23.84
C GLY A 172 3.10 -3.59 -23.65
N MET A 173 1.91 -3.00 -23.81
CA MET A 173 1.76 -1.58 -23.57
C MET A 173 2.12 -1.23 -22.13
N PHE A 174 1.61 -2.01 -21.18
CA PHE A 174 1.91 -1.76 -19.77
C PHE A 174 3.35 -2.13 -19.45
N ARG A 175 3.86 -3.22 -20.03
CA ARG A 175 5.27 -3.58 -19.83
C ARG A 175 6.18 -2.42 -20.21
N ASP A 176 5.93 -1.84 -21.39
CA ASP A 176 6.76 -0.74 -21.88
C ASP A 176 6.60 0.51 -21.03
N GLU A 177 5.40 0.77 -20.50
CA GLU A 177 5.20 1.95 -19.67
C GLU A 177 5.85 1.80 -18.29
N LEU A 178 5.86 0.59 -17.72
CA LEU A 178 6.65 0.36 -16.51
C LEU A 178 8.13 0.59 -16.76
N ALA A 179 8.64 0.14 -17.90
CA ALA A 179 10.03 0.41 -18.24
C ALA A 179 10.29 1.91 -18.39
N ASN A 180 9.32 2.63 -18.98
CA ASN A 180 9.40 4.08 -19.12
C ASN A 180 9.44 4.77 -17.76
N LEU A 181 8.61 4.32 -16.83
CA LEU A 181 8.66 4.94 -15.52
C LEU A 181 9.99 4.69 -14.83
N ARG A 182 10.59 3.53 -15.05
CA ARG A 182 11.90 3.23 -14.48
C ARG A 182 13.01 4.04 -15.13
N SER A 183 12.97 4.20 -16.45
CA SER A 183 14.09 4.85 -17.13
C SER A 183 14.00 6.36 -17.12
N GLY A 184 12.81 6.92 -17.10
CA GLY A 184 12.63 8.34 -17.26
C GLY A 184 12.05 9.04 -16.05
N TYR A 185 11.47 8.30 -15.11
CA TYR A 185 10.76 8.95 -14.00
C TYR A 185 11.21 8.40 -12.67
N GLY A 186 12.36 7.73 -12.63
CA GLY A 186 12.99 7.39 -11.39
C GLY A 186 12.31 6.31 -10.58
N ALA A 187 11.50 5.47 -11.20
CA ALA A 187 10.71 4.51 -10.42
C ALA A 187 11.63 3.50 -9.75
N GLY A 188 11.38 3.26 -8.47
CA GLY A 188 12.03 2.20 -7.72
C GLY A 188 11.11 1.03 -7.42
N GLY A 189 9.91 1.08 -7.96
CA GLY A 189 8.90 0.08 -7.69
C GLY A 189 7.53 0.61 -8.05
N PHE A 190 6.53 -0.24 -7.82
CA PHE A 190 5.17 0.04 -8.23
C PHE A 190 4.18 -0.50 -7.21
N ARG A 191 3.07 0.21 -7.09
CA ARG A 191 1.89 -0.24 -6.37
C ARG A 191 0.83 -0.59 -7.41
N PHE A 192 0.41 -1.85 -7.43
CA PHE A 192 -0.55 -2.31 -8.42
C PHE A 192 -1.95 -2.15 -7.83
N ASP A 193 -2.77 -1.36 -8.51
CA ASP A 193 -4.14 -1.08 -8.12
C ASP A 193 -5.10 -2.20 -8.56
N PHE A 194 -6.08 -2.49 -7.72
CA PHE A 194 -7.23 -3.32 -8.10
C PHE A 194 -6.77 -4.65 -8.65
N VAL A 195 -5.91 -5.34 -7.90
CA VAL A 195 -5.31 -6.55 -8.46
C VAL A 195 -6.28 -7.72 -8.58
N ARG A 196 -7.46 -7.62 -7.95
CA ARG A 196 -8.52 -8.58 -8.24
C ARG A 196 -8.98 -8.53 -9.70
N GLY A 197 -8.59 -7.50 -10.44
CA GLY A 197 -9.09 -7.31 -11.79
C GLY A 197 -8.36 -8.05 -12.89
N TYR A 198 -7.24 -8.70 -12.55
CA TYR A 198 -6.38 -9.35 -13.54
C TYR A 198 -5.54 -10.40 -12.83
N ALA A 199 -4.89 -11.26 -13.60
CA ALA A 199 -4.17 -12.40 -13.03
C ALA A 199 -2.97 -11.97 -12.19
N PRO A 200 -2.76 -12.58 -11.02
CA PRO A 200 -1.55 -12.23 -10.26
C PRO A 200 -0.26 -12.59 -10.98
N GLU A 201 -0.26 -13.70 -11.72
CA GLU A 201 0.91 -14.04 -12.50
C GLU A 201 1.31 -12.95 -13.49
N ARG A 202 0.36 -12.12 -13.94
CA ARG A 202 0.73 -11.05 -14.87
C ARG A 202 1.55 -9.98 -14.18
N VAL A 203 1.29 -9.74 -12.88
CA VAL A 203 2.14 -8.83 -12.11
C VAL A 203 3.56 -9.38 -12.00
N ASN A 204 3.70 -10.69 -11.77
CA ASN A 204 5.03 -11.29 -11.74
C ASN A 204 5.73 -11.10 -13.08
N SER A 205 4.99 -11.30 -14.17
CA SER A 205 5.58 -11.16 -15.51
C SER A 205 5.99 -9.73 -15.77
N TRP A 206 5.09 -8.77 -15.50
CA TRP A 206 5.43 -7.36 -15.71
C TRP A 206 6.66 -6.98 -14.91
N MET A 207 6.76 -7.40 -13.65
CA MET A 207 7.91 -7.03 -12.84
C MET A 207 9.17 -7.72 -13.34
N THR A 208 9.07 -9.00 -13.69
CA THR A 208 10.22 -9.70 -14.24
C THR A 208 10.72 -9.02 -15.50
N ASP A 209 9.79 -8.56 -16.35
CA ASP A 209 10.17 -7.98 -17.65
C ASP A 209 10.80 -6.61 -17.47
N SER A 210 10.28 -5.80 -16.55
CA SER A 210 10.63 -4.39 -16.56
C SER A 210 11.25 -3.84 -15.30
N ALA A 211 11.18 -4.54 -14.17
CA ALA A 211 11.69 -4.02 -12.90
C ALA A 211 11.96 -5.15 -11.92
N ASP A 212 12.76 -6.15 -12.30
CA ASP A 212 12.76 -7.39 -11.55
C ASP A 212 13.28 -7.20 -10.14
N SER A 213 14.23 -6.29 -9.92
CA SER A 213 14.82 -6.09 -8.60
C SER A 213 14.15 -4.97 -7.81
N SER A 214 13.05 -4.43 -8.31
CA SER A 214 12.38 -3.32 -7.65
C SER A 214 11.43 -3.84 -6.57
N PHE A 215 10.92 -2.90 -5.79
CA PHE A 215 9.84 -3.16 -4.83
C PHE A 215 8.49 -3.19 -5.51
N CYS A 216 7.63 -4.10 -5.08
CA CYS A 216 6.30 -4.12 -5.57
C CYS A 216 5.33 -4.29 -4.44
N VAL A 217 4.08 -3.83 -4.63
CA VAL A 217 3.01 -4.20 -3.71
C VAL A 217 1.69 -4.16 -4.45
N GLY A 218 0.82 -5.15 -4.17
CA GLY A 218 -0.50 -5.19 -4.75
C GLY A 218 -1.59 -4.97 -3.72
N GLU A 219 -2.67 -4.30 -4.17
CA GLU A 219 -3.85 -4.01 -3.37
C GLU A 219 -4.93 -5.01 -3.78
N LEU A 220 -5.08 -6.05 -2.96
CA LEU A 220 -6.15 -7.03 -3.09
C LEU A 220 -7.13 -6.78 -1.95
N TRP A 221 -8.26 -6.19 -2.27
CA TRP A 221 -9.32 -5.92 -1.29
C TRP A 221 -10.52 -6.71 -1.77
N LYS A 222 -10.66 -7.92 -1.22
CA LYS A 222 -11.72 -8.86 -1.62
C LYS A 222 -11.88 -9.87 -0.49
N GLY A 223 -13.00 -9.79 0.21
CA GLY A 223 -13.25 -10.65 1.33
C GLY A 223 -13.76 -12.01 0.92
N PRO A 224 -13.71 -12.97 1.84
CA PRO A 224 -14.13 -14.36 1.50
C PRO A 224 -15.52 -14.43 0.89
N SER A 225 -16.45 -13.57 1.32
CA SER A 225 -17.83 -13.57 0.87
C SER A 225 -18.00 -13.21 -0.62
N GLU A 226 -16.96 -12.68 -1.24
CA GLU A 226 -17.06 -12.27 -2.63
C GLU A 226 -16.64 -13.37 -3.59
N TYR A 227 -16.19 -14.49 -3.11
CA TYR A 227 -15.82 -15.63 -3.93
C TYR A 227 -16.96 -16.62 -4.00
N PRO A 228 -17.01 -17.41 -5.08
CA PRO A 228 -18.09 -18.40 -5.23
C PRO A 228 -18.04 -19.50 -4.18
N SER A 229 -19.20 -20.14 -3.99
CA SER A 229 -19.36 -21.19 -2.98
C SER A 229 -18.34 -22.31 -3.13
N TRP A 230 -17.97 -22.64 -4.35
CA TRP A 230 -17.08 -23.75 -4.66
C TRP A 230 -15.60 -23.37 -4.60
N ASP A 231 -15.28 -22.09 -4.38
CA ASP A 231 -13.90 -21.60 -4.31
C ASP A 231 -13.40 -21.73 -2.88
N TRP A 232 -12.21 -22.29 -2.71
CA TRP A 232 -11.71 -22.45 -1.36
C TRP A 232 -11.61 -21.12 -0.61
N ARG A 233 -11.52 -20.00 -1.34
CA ARG A 233 -11.39 -18.71 -0.68
C ARG A 233 -12.68 -18.28 -0.02
N ASN A 234 -13.82 -18.86 -0.39
CA ASN A 234 -15.08 -18.48 0.23
C ASN A 234 -15.10 -18.81 1.73
N THR A 235 -14.34 -19.80 2.17
CA THR A 235 -14.29 -20.15 3.58
C THR A 235 -12.90 -19.98 4.17
N ALA A 236 -12.07 -19.20 3.49
CA ALA A 236 -10.72 -18.95 3.95
C ALA A 236 -10.66 -17.69 4.79
N SER A 237 -9.53 -17.52 5.46
CA SER A 237 -9.27 -16.28 6.17
C SER A 237 -8.81 -15.19 5.20
N TRP A 238 -8.99 -13.95 5.63
CA TRP A 238 -8.44 -12.86 4.85
C TRP A 238 -6.94 -13.04 4.64
N GLN A 239 -6.24 -13.57 5.64
CA GLN A 239 -4.81 -13.80 5.48
C GLN A 239 -4.53 -14.76 4.34
N GLN A 240 -5.26 -15.87 4.30
CA GLN A 240 -5.01 -16.88 3.28
C GLN A 240 -5.24 -16.32 1.88
N ILE A 241 -6.26 -15.48 1.72
CA ILE A 241 -6.59 -14.95 0.41
C ILE A 241 -5.47 -14.03 -0.10
N ILE A 242 -5.01 -13.09 0.75
CA ILE A 242 -3.99 -12.19 0.26
C ILE A 242 -2.65 -12.88 0.12
N LYS A 243 -2.35 -13.85 0.98
CA LYS A 243 -1.11 -14.59 0.86
C LYS A 243 -1.05 -15.37 -0.46
N ASP A 244 -2.16 -15.99 -0.86
CA ASP A 244 -2.19 -16.71 -2.13
C ASP A 244 -1.91 -15.78 -3.31
N TRP A 245 -2.45 -14.56 -3.27
CA TRP A 245 -2.13 -13.58 -4.31
C TRP A 245 -0.63 -13.29 -4.33
N SER A 246 -0.05 -13.01 -3.16
CA SER A 246 1.38 -12.71 -3.08
C SER A 246 2.23 -13.84 -3.65
N ASP A 247 1.88 -15.08 -3.33
CA ASP A 247 2.59 -16.24 -3.83
C ASP A 247 2.67 -16.25 -5.34
N ARG A 248 1.56 -15.94 -6.00
CA ARG A 248 1.47 -16.01 -7.46
C ARG A 248 2.05 -14.79 -8.15
N ALA A 249 1.99 -13.63 -7.52
CA ALA A 249 2.58 -12.42 -8.09
C ALA A 249 4.05 -12.24 -7.73
N LYS A 250 4.55 -12.98 -6.74
CA LYS A 250 5.86 -12.74 -6.18
C LYS A 250 6.02 -11.28 -5.80
N CYS A 251 4.95 -10.72 -5.22
CA CYS A 251 4.88 -9.32 -4.80
C CYS A 251 4.34 -9.28 -3.39
N PRO A 252 4.87 -8.43 -2.54
CA PRO A 252 4.17 -8.09 -1.30
C PRO A 252 2.74 -7.64 -1.54
N VAL A 253 1.92 -7.71 -0.48
CA VAL A 253 0.49 -7.45 -0.60
C VAL A 253 0.03 -6.62 0.60
N PHE A 254 -0.87 -5.67 0.34
CA PHE A 254 -1.37 -4.86 1.45
C PHE A 254 -2.09 -5.76 2.46
N ASP A 255 -1.82 -5.52 3.73
CA ASP A 255 -2.33 -6.37 4.80
C ASP A 255 -3.78 -5.97 5.14
N PHE A 256 -4.68 -6.36 4.24
CA PHE A 256 -6.09 -6.12 4.52
C PHE A 256 -6.63 -7.08 5.57
N ALA A 257 -5.89 -8.15 5.92
CA ALA A 257 -6.27 -8.96 7.07
C ALA A 257 -6.11 -8.16 8.36
N LEU A 258 -5.01 -7.41 8.47
CA LEU A 258 -4.83 -6.57 9.64
C LEU A 258 -5.86 -5.45 9.65
N LYS A 259 -6.10 -4.83 8.49
CA LYS A 259 -7.07 -3.74 8.42
C LYS A 259 -8.45 -4.22 8.81
N GLU A 260 -8.82 -5.43 8.38
CA GLU A 260 -10.13 -5.98 8.75
C GLU A 260 -10.23 -6.17 10.26
N ARG A 261 -9.16 -6.63 10.91
CA ARG A 261 -9.20 -6.78 12.36
C ARG A 261 -9.19 -5.43 13.08
N MET A 262 -8.47 -4.44 12.54
CA MET A 262 -8.51 -3.11 13.15
C MET A 262 -9.91 -2.53 13.09
N GLN A 263 -10.62 -2.77 11.99
CA GLN A 263 -11.96 -2.20 11.84
C GLN A 263 -13.03 -2.99 12.62
N ASN A 264 -12.90 -4.30 12.70
CA ASN A 264 -13.97 -5.15 13.21
C ASN A 264 -13.68 -5.80 14.56
N GLY A 265 -12.42 -6.02 14.89
CA GLY A 265 -12.03 -6.73 16.10
C GLY A 265 -11.57 -5.80 17.20
N SER A 266 -11.12 -6.42 18.29
CA SER A 266 -10.52 -5.70 19.39
C SER A 266 -9.05 -5.42 19.10
N VAL A 267 -8.42 -4.62 19.97
CA VAL A 267 -6.99 -4.39 19.80
C VAL A 267 -6.22 -5.68 19.98
N ALA A 268 -6.64 -6.52 20.91
CA ALA A 268 -5.97 -7.80 21.07
C ALA A 268 -6.02 -8.63 19.81
N ASP A 269 -7.09 -8.49 19.02
CA ASP A 269 -7.27 -9.24 17.79
C ASP A 269 -6.35 -8.78 16.66
N TRP A 270 -5.66 -7.65 16.83
CA TRP A 270 -4.78 -7.19 15.75
C TRP A 270 -3.68 -8.20 15.46
N LYS A 271 -3.45 -9.16 16.37
CA LYS A 271 -2.43 -10.17 16.15
C LYS A 271 -2.80 -11.11 15.02
N HIS A 272 -4.02 -11.05 14.50
CA HIS A 272 -4.44 -11.96 13.44
C HIS A 272 -4.28 -11.35 12.06
N GLY A 273 -3.56 -10.24 11.93
CA GLY A 273 -3.18 -9.77 10.61
C GLY A 273 -2.09 -10.65 9.99
N LEU A 274 -1.89 -10.48 8.68
CA LEU A 274 -0.83 -11.26 8.04
C LEU A 274 0.51 -10.98 8.68
N ASN A 275 0.76 -9.73 9.10
CA ASN A 275 2.08 -9.36 9.62
C ASN A 275 2.38 -9.97 10.98
N GLY A 276 1.41 -10.60 11.63
CA GLY A 276 1.65 -11.28 12.88
C GLY A 276 1.83 -12.78 12.75
N ASN A 277 1.82 -13.30 11.53
CA ASN A 277 1.85 -14.75 11.33
C ASN A 277 3.20 -15.32 11.77
N PRO A 278 3.23 -16.41 12.52
CA PRO A 278 4.52 -16.96 12.98
C PRO A 278 5.41 -17.54 11.88
N ASP A 279 4.90 -17.77 10.68
CA ASP A 279 5.72 -18.24 9.57
C ASP A 279 6.32 -17.04 8.87
N PRO A 280 7.64 -16.89 8.87
CA PRO A 280 8.22 -15.67 8.29
C PRO A 280 7.89 -15.48 6.83
N ARG A 281 7.67 -16.58 6.08
CA ARG A 281 7.30 -16.46 4.67
C ARG A 281 5.94 -15.83 4.51
N TRP A 282 5.12 -15.85 5.57
CA TRP A 282 3.80 -15.24 5.55
C TRP A 282 3.90 -13.77 5.97
N ARG A 283 4.47 -13.50 7.14
CA ARG A 283 4.39 -12.13 7.63
C ARG A 283 5.27 -11.20 6.83
N GLU A 284 6.38 -11.70 6.26
CA GLU A 284 7.32 -10.79 5.61
C GLU A 284 6.80 -10.20 4.30
N VAL A 285 5.69 -10.73 3.75
CA VAL A 285 5.12 -10.19 2.52
C VAL A 285 3.97 -9.22 2.80
N ALA A 286 3.69 -8.95 4.07
CA ALA A 286 2.62 -8.03 4.44
C ALA A 286 3.10 -6.59 4.33
N VAL A 287 2.29 -5.75 3.70
CA VAL A 287 2.51 -4.30 3.69
C VAL A 287 1.37 -3.70 4.51
N THR A 288 1.73 -3.23 5.71
CA THR A 288 0.75 -2.80 6.69
C THR A 288 0.44 -1.32 6.53
N PHE A 289 -0.75 -0.94 6.96
CA PHE A 289 -1.18 0.44 6.82
C PHE A 289 -2.29 0.69 7.83
N VAL A 290 -2.56 1.96 8.08
CA VAL A 290 -3.66 2.37 8.95
C VAL A 290 -4.87 2.80 8.14
N ASP A 291 -4.69 3.70 7.18
CA ASP A 291 -5.73 4.08 6.24
C ASP A 291 -5.01 4.48 4.96
N ASN A 292 -5.73 4.45 3.84
CA ASN A 292 -5.26 5.02 2.59
C ASN A 292 -6.32 5.97 2.06
N HIS A 293 -6.13 6.41 0.80
CA HIS A 293 -7.00 7.39 0.16
C HIS A 293 -8.41 6.88 -0.06
N ASP A 294 -8.61 5.57 0.03
CA ASP A 294 -9.89 4.94 -0.17
C ASP A 294 -10.57 4.61 1.15
N THR A 295 -9.84 3.96 2.06
CA THR A 295 -10.42 3.62 3.36
C THR A 295 -10.55 4.82 4.28
N GLY A 296 -9.63 5.78 4.20
CA GLY A 296 -9.55 6.84 5.17
C GLY A 296 -10.23 8.13 4.73
N TYR A 297 -10.32 9.08 5.66
CA TYR A 297 -10.70 10.44 5.33
C TYR A 297 -9.57 11.11 4.54
N SER A 298 -9.91 12.22 3.90
CA SER A 298 -8.95 13.15 3.34
C SER A 298 -9.44 14.56 3.67
N PRO A 299 -8.54 15.53 3.75
CA PRO A 299 -8.98 16.93 3.74
C PRO A 299 -9.81 17.20 2.50
N GLY A 300 -10.72 18.16 2.60
CA GLY A 300 -11.44 18.64 1.43
C GLY A 300 -12.82 18.05 1.26
N GLN A 301 -13.30 18.08 0.01
CA GLN A 301 -14.71 17.83 -0.26
C GLN A 301 -15.14 16.46 0.26
N ASN A 302 -16.29 16.45 0.94
CA ASN A 302 -16.92 15.26 1.50
C ASN A 302 -16.04 14.52 2.50
N GLY A 303 -14.95 15.11 2.94
CA GLY A 303 -14.00 14.43 3.79
C GLY A 303 -13.26 13.30 3.09
N GLY A 304 -13.24 13.32 1.76
CA GLY A 304 -12.68 12.24 0.99
C GLY A 304 -13.65 11.07 0.84
N GLN A 305 -13.08 9.88 0.72
CA GLN A 305 -13.91 8.70 0.48
C GLN A 305 -14.37 8.01 1.77
N HIS A 306 -13.46 7.88 2.73
CA HIS A 306 -13.69 7.26 4.04
C HIS A 306 -14.59 6.04 3.94
N HIS A 307 -14.17 5.09 3.12
CA HIS A 307 -14.93 3.87 2.97
C HIS A 307 -14.75 2.88 4.13
N TRP A 308 -13.69 3.00 4.93
CA TRP A 308 -13.41 2.05 6.01
C TRP A 308 -12.37 2.65 6.95
N ALA A 309 -12.71 3.76 7.58
CA ALA A 309 -11.74 4.59 8.26
C ALA A 309 -11.57 4.18 9.71
N LEU A 310 -10.33 4.21 10.18
CA LEU A 310 -10.05 3.95 11.58
C LEU A 310 -10.38 5.18 12.43
N GLN A 311 -11.17 4.97 13.47
CA GLN A 311 -11.56 6.04 14.37
C GLN A 311 -10.36 6.67 15.07
N ASP A 312 -10.49 7.96 15.41
CA ASP A 312 -9.32 8.68 15.87
C ASP A 312 -8.78 8.15 17.21
N GLY A 313 -9.63 7.52 18.03
CA GLY A 313 -9.16 6.96 19.28
C GLY A 313 -8.21 5.80 19.15
N LEU A 314 -8.02 5.25 17.95
CA LEU A 314 -7.12 4.13 17.75
C LEU A 314 -5.94 4.46 16.82
N ILE A 315 -5.82 5.72 16.34
CA ILE A 315 -4.81 6.02 15.32
C ILE A 315 -3.41 5.86 15.89
N ARG A 316 -3.16 6.43 17.07
CA ARG A 316 -1.82 6.30 17.62
C ARG A 316 -1.45 4.85 17.88
N GLN A 317 -2.40 4.08 18.43
CA GLN A 317 -2.18 2.67 18.70
C GLN A 317 -1.85 1.91 17.43
N ALA A 318 -2.62 2.18 16.37
CA ALA A 318 -2.42 1.49 15.10
C ALA A 318 -1.05 1.81 14.51
N TYR A 319 -0.63 3.08 14.52
CA TYR A 319 0.72 3.38 14.03
C TYR A 319 1.78 2.76 14.91
N ALA A 320 1.60 2.77 16.23
CA ALA A 320 2.59 2.12 17.09
C ALA A 320 2.70 0.65 16.75
N TYR A 321 1.57 0.01 16.47
CA TYR A 321 1.63 -1.39 16.10
C TYR A 321 2.36 -1.59 14.78
N ILE A 322 1.97 -0.88 13.72
CA ILE A 322 2.56 -1.25 12.43
C ILE A 322 4.03 -0.83 12.38
N LEU A 323 4.40 0.24 13.07
CA LEU A 323 5.79 0.70 13.00
C LEU A 323 6.71 -0.09 13.91
N THR A 324 6.19 -0.81 14.91
CA THR A 324 7.05 -1.67 15.72
C THR A 324 7.04 -3.14 15.29
N SER A 325 6.22 -3.51 14.34
CA SER A 325 5.99 -4.93 14.03
C SER A 325 6.50 -5.35 12.66
N PRO A 326 6.54 -6.63 12.41
CA PRO A 326 6.96 -7.15 11.11
C PRO A 326 6.03 -6.74 9.98
N GLY A 327 6.32 -7.22 8.78
CA GLY A 327 5.77 -6.61 7.59
C GLY A 327 6.49 -5.31 7.28
N THR A 328 6.02 -4.65 6.24
CA THR A 328 6.56 -3.37 5.77
C THR A 328 5.50 -2.31 5.97
N PRO A 329 5.74 -1.27 6.77
CA PRO A 329 4.67 -0.30 7.07
C PRO A 329 4.59 0.87 6.10
N VAL A 330 3.33 1.34 5.96
CA VAL A 330 3.00 2.50 5.14
C VAL A 330 2.31 3.54 6.02
N VAL A 331 2.78 4.78 5.95
CA VAL A 331 2.18 5.91 6.67
C VAL A 331 1.37 6.78 5.71
N TYR A 332 0.14 7.12 6.10
CA TYR A 332 -0.75 7.90 5.25
C TYR A 332 -0.39 9.39 5.34
N TRP A 333 -0.28 10.04 4.18
CA TRP A 333 0.06 11.45 4.12
C TRP A 333 -0.67 12.27 5.17
N SER A 334 -1.98 12.13 5.23
CA SER A 334 -2.74 13.07 6.03
C SER A 334 -2.51 12.87 7.51
N HIS A 335 -2.28 11.65 7.98
CA HIS A 335 -1.93 11.48 9.39
C HIS A 335 -0.60 12.17 9.71
N MET A 336 0.37 12.02 8.80
CA MET A 336 1.72 12.51 9.00
C MET A 336 1.76 14.03 8.94
N TYR A 337 1.11 14.63 7.93
CA TYR A 337 1.40 16.01 7.57
C TYR A 337 0.20 16.95 7.59
N ASP A 338 -1.02 16.45 7.72
CA ASP A 338 -2.20 17.29 7.88
C ASP A 338 -2.73 17.28 9.30
N TRP A 339 -2.80 16.12 9.95
CA TRP A 339 -3.63 15.98 11.13
C TRP A 339 -2.84 15.89 12.44
N GLY A 340 -1.53 16.09 12.39
CA GLY A 340 -0.79 16.32 13.61
C GLY A 340 -0.17 15.10 14.26
N TYR A 341 -0.20 13.94 13.61
CA TYR A 341 0.43 12.76 14.17
C TYR A 341 1.90 12.64 13.79
N GLY A 342 2.47 13.65 13.11
CA GLY A 342 3.81 13.50 12.57
C GLY A 342 4.89 13.33 13.62
N ASP A 343 4.82 14.09 14.71
CA ASP A 343 5.88 13.97 15.71
C ASP A 343 5.87 12.58 16.35
N PHE A 344 4.69 12.05 16.59
CA PHE A 344 4.55 10.70 17.12
C PHE A 344 5.08 9.68 16.13
N ILE A 345 4.69 9.81 14.87
CA ILE A 345 5.14 8.87 13.87
C ILE A 345 6.64 8.97 13.68
N ARG A 346 7.19 10.19 13.69
CA ARG A 346 8.64 10.36 13.60
C ARG A 346 9.35 9.56 14.69
N GLN A 347 8.85 9.66 15.93
CA GLN A 347 9.44 8.93 17.05
C GLN A 347 9.39 7.43 16.83
N LEU A 348 8.25 6.92 16.36
CA LEU A 348 8.13 5.49 16.17
C LEU A 348 9.02 5.01 15.03
N ILE A 349 9.17 5.81 13.96
CA ILE A 349 10.09 5.40 12.89
C ILE A 349 11.50 5.29 13.44
N GLN A 350 11.91 6.24 14.28
CA GLN A 350 13.24 6.14 14.87
C GLN A 350 13.37 4.89 15.73
N VAL A 351 12.32 4.55 16.49
CA VAL A 351 12.35 3.34 17.30
C VAL A 351 12.53 2.12 16.41
N ARG A 352 11.77 2.05 15.31
CA ARG A 352 11.87 0.91 14.40
C ARG A 352 13.30 0.77 13.88
N ARG A 353 13.86 1.87 13.40
CA ARG A 353 15.19 1.84 12.79
C ARG A 353 16.27 1.53 13.82
N THR A 354 16.17 2.11 15.00
CA THR A 354 17.16 1.86 16.06
C THR A 354 17.10 0.40 16.50
N ALA A 355 15.90 -0.18 16.55
CA ALA A 355 15.77 -1.57 16.95
C ALA A 355 16.12 -2.54 15.84
N GLY A 356 16.14 -2.08 14.60
CA GLY A 356 16.35 -2.95 13.45
C GLY A 356 15.19 -3.89 13.17
N VAL A 357 13.96 -3.44 13.38
CA VAL A 357 12.83 -4.25 12.98
C VAL A 357 12.75 -4.27 11.46
N ARG A 358 12.57 -5.45 10.90
CA ARG A 358 12.44 -5.67 9.46
C ARG A 358 11.20 -6.51 9.21
N ALA A 359 10.93 -6.76 7.92
CA ALA A 359 9.68 -7.42 7.54
C ALA A 359 9.58 -8.81 8.12
N ASP A 360 10.70 -9.49 8.33
CA ASP A 360 10.65 -10.86 8.85
C ASP A 360 11.04 -10.96 10.32
N SER A 361 11.11 -9.84 11.04
CA SER A 361 11.38 -9.93 12.48
C SER A 361 10.33 -10.78 13.19
N ALA A 362 10.78 -11.52 14.20
CA ALA A 362 9.86 -12.35 14.97
C ALA A 362 9.00 -11.50 15.88
N ILE A 363 7.76 -11.93 16.07
CA ILE A 363 6.83 -11.24 16.97
C ILE A 363 6.07 -12.29 17.79
N SER A 364 6.08 -12.13 19.10
CA SER A 364 5.36 -13.02 20.01
C SER A 364 4.31 -12.21 20.73
N PHE A 365 3.14 -12.81 20.91
CA PHE A 365 2.01 -12.17 21.56
C PHE A 365 1.82 -12.80 22.93
N HIS A 366 1.58 -11.98 23.93
CA HIS A 366 1.48 -12.42 25.31
C HIS A 366 0.07 -12.27 25.87
N SER A 367 -0.35 -13.25 26.66
CA SER A 367 -1.77 -13.49 26.89
C SER A 367 -2.38 -12.94 28.20
N GLY A 368 -1.63 -12.58 29.21
CA GLY A 368 -2.32 -12.32 30.49
C GLY A 368 -2.90 -10.94 30.79
N TYR A 369 -3.12 -10.13 29.75
CA TYR A 369 -3.33 -8.70 29.95
C TYR A 369 -4.44 -8.23 29.01
N SER A 370 -4.95 -7.04 29.29
CA SER A 370 -5.86 -6.42 28.35
C SER A 370 -5.08 -5.88 27.15
N GLY A 371 -5.82 -5.58 26.09
CA GLY A 371 -5.22 -5.01 24.90
C GLY A 371 -4.27 -5.96 24.20
N LEU A 372 -3.24 -5.39 23.60
CA LEU A 372 -2.26 -6.15 22.83
C LEU A 372 -0.89 -5.98 23.48
N VAL A 373 -0.24 -7.09 23.78
CA VAL A 373 1.10 -7.07 24.36
C VAL A 373 1.95 -7.95 23.46
N ALA A 374 3.01 -7.38 22.90
CA ALA A 374 3.87 -8.12 21.98
C ALA A 374 5.33 -7.89 22.32
N THR A 375 6.16 -8.89 22.01
CA THR A 375 7.60 -8.74 22.00
C THR A 375 8.07 -8.95 20.57
N VAL A 376 8.92 -8.05 20.09
CA VAL A 376 9.39 -8.06 18.71
C VAL A 376 10.90 -8.14 18.74
N SER A 377 11.48 -9.07 17.98
CA SER A 377 12.93 -9.27 17.95
C SER A 377 13.50 -8.56 16.73
N GLY A 378 13.96 -7.32 16.93
CA GLY A 378 14.69 -6.63 15.88
C GLY A 378 16.13 -7.10 15.80
N SER A 379 16.83 -6.69 14.74
CA SER A 379 18.20 -7.12 14.54
C SER A 379 19.13 -6.53 15.59
N GLN A 380 18.75 -5.40 16.17
CA GLN A 380 19.59 -4.73 17.15
C GLN A 380 19.02 -4.74 18.56
N GLN A 381 17.70 -4.66 18.70
CA GLN A 381 17.06 -4.60 20.00
C GLN A 381 15.79 -5.44 20.00
N THR A 382 15.39 -5.91 21.19
CA THR A 382 14.05 -6.42 21.41
C THR A 382 13.13 -5.27 21.86
N LEU A 383 11.91 -5.25 21.32
CA LEU A 383 10.90 -4.29 21.75
C LEU A 383 9.79 -5.00 22.52
N VAL A 384 9.27 -4.35 23.56
CA VAL A 384 8.03 -4.75 24.19
C VAL A 384 7.02 -3.66 23.89
N VAL A 385 5.87 -4.04 23.35
CA VAL A 385 4.87 -3.11 22.90
C VAL A 385 3.57 -3.41 23.63
N ALA A 386 2.97 -2.41 24.26
CA ALA A 386 1.72 -2.58 25.02
C ALA A 386 0.73 -1.52 24.56
N LEU A 387 -0.37 -1.97 23.96
CA LEU A 387 -1.40 -1.10 23.40
C LEU A 387 -2.72 -1.34 24.12
N ASN A 388 -3.30 -0.26 24.64
CA ASN A 388 -4.53 -0.32 25.40
C ASN A 388 -4.49 -1.44 26.45
N SER A 389 -3.37 -1.51 27.16
CA SER A 389 -3.10 -2.63 28.05
C SER A 389 -2.94 -2.19 29.50
N ASP A 390 -3.28 -3.11 30.40
CA ASP A 390 -2.98 -2.96 31.83
C ASP A 390 -1.65 -3.57 32.24
N LEU A 391 -0.85 -4.03 31.27
CA LEU A 391 0.54 -4.36 31.56
C LEU A 391 1.17 -3.21 32.35
N ALA A 392 1.89 -3.55 33.41
CA ALA A 392 2.57 -2.52 34.21
C ALA A 392 3.98 -2.20 33.73
N ASN A 393 4.77 -3.21 33.38
CA ASN A 393 6.17 -3.01 33.03
C ASN A 393 6.64 -4.18 32.20
N PRO A 394 7.70 -3.99 31.42
CA PRO A 394 8.08 -5.03 30.45
C PRO A 394 8.62 -6.28 31.08
N GLY A 395 9.13 -6.18 32.30
CA GLY A 395 9.62 -7.36 32.99
C GLY A 395 8.55 -8.38 33.30
N GLN A 396 7.28 -7.98 33.25
CA GLN A 396 6.21 -8.95 33.41
C GLN A 396 6.16 -9.95 32.26
N VAL A 397 6.64 -9.55 31.08
CA VAL A 397 6.47 -10.40 29.92
C VAL A 397 7.78 -10.71 29.18
N ALA A 398 8.89 -10.08 29.57
CA ALA A 398 10.14 -10.38 28.90
C ALA A 398 11.33 -10.34 29.83
N SER A 399 12.27 -11.23 29.56
CA SER A 399 13.57 -11.23 30.22
C SER A 399 14.44 -10.11 29.66
N GLY A 400 15.33 -9.59 30.49
CA GLY A 400 16.33 -8.64 30.03
C GLY A 400 16.10 -7.26 30.60
N SER A 401 17.02 -6.34 30.31
CA SER A 401 16.91 -4.96 30.80
C SER A 401 16.31 -4.06 29.72
N PHE A 402 15.30 -3.30 30.10
CA PHE A 402 14.53 -2.48 29.16
C PHE A 402 14.49 -1.03 29.61
N SER A 403 14.36 -0.15 28.63
CA SER A 403 14.25 1.27 28.81
C SER A 403 13.01 1.73 28.05
N GLU A 404 12.34 2.75 28.58
CA GLU A 404 11.15 3.28 27.92
C GLU A 404 11.52 4.05 26.66
N ALA A 405 10.83 3.76 25.56
CA ALA A 405 11.02 4.43 24.28
C ALA A 405 9.86 5.30 23.87
N VAL A 406 8.64 4.87 24.17
CA VAL A 406 7.42 5.57 23.82
C VAL A 406 6.47 5.45 24.99
N ASN A 407 5.85 6.55 25.36
CA ASN A 407 4.75 6.54 26.32
C ASN A 407 3.79 7.66 25.95
N ALA A 408 2.64 7.31 25.38
CA ALA A 408 1.70 8.31 24.86
C ALA A 408 0.28 7.90 25.16
N SER A 409 -0.64 8.86 25.01
CA SER A 409 -2.07 8.60 25.14
C SER A 409 -2.41 7.99 26.50
N ASN A 410 -1.90 8.62 27.55
CA ASN A 410 -2.11 8.17 28.94
C ASN A 410 -1.71 6.71 29.10
N GLY A 411 -0.58 6.35 28.51
CA GLY A 411 -0.07 5.00 28.61
C GLY A 411 -0.75 3.99 27.72
N GLN A 412 -1.72 4.41 26.90
CA GLN A 412 -2.33 3.47 25.97
C GLN A 412 -1.38 3.04 24.87
N VAL A 413 -0.31 3.80 24.64
CA VAL A 413 0.76 3.39 23.75
C VAL A 413 2.05 3.41 24.56
N ARG A 414 2.61 2.23 24.83
CA ARG A 414 3.91 2.16 25.47
C ARG A 414 4.80 1.18 24.71
N VAL A 415 6.04 1.58 24.55
CA VAL A 415 7.07 0.75 23.93
C VAL A 415 8.33 0.86 24.76
N TRP A 416 8.93 -0.28 25.05
CA TRP A 416 10.20 -0.35 25.76
C TRP A 416 11.20 -1.07 24.87
N ARG A 417 12.48 -0.77 25.04
CA ARG A 417 13.48 -1.39 24.20
C ARG A 417 14.63 -1.92 25.02
N SER A 418 15.20 -3.02 24.54
CA SER A 418 16.36 -3.67 25.13
C SER A 418 17.54 -2.70 25.30
C1 GLC B . -11.67 5.11 -7.09
C2 GLC B . -13.00 5.56 -6.49
C3 GLC B . -14.17 5.34 -7.38
C4 GLC B . -14.03 5.92 -8.78
C5 GLC B . -12.74 5.36 -9.37
C6 GLC B . -12.47 5.92 -10.74
O1 GLC B . -11.54 3.76 -7.15
O2 GLC B . -13.18 4.82 -5.25
O3 GLC B . -15.33 5.94 -6.76
O4 GLC B . -15.16 5.55 -9.59
O5 GLC B . -11.56 5.63 -8.51
O6 GLC B . -12.29 7.29 -10.66
H1 GLC B . -10.98 5.43 -6.50
H2 GLC B . -12.96 6.51 -6.30
H3 GLC B . -14.27 4.38 -7.49
H4 GLC B . -14.04 6.89 -8.78
H5 GLC B . -12.87 4.41 -9.46
H61 GLC B . -11.66 5.52 -11.11
H62 GLC B . -13.21 5.72 -11.34
HO1 GLC B . -10.72 3.55 -7.07
HO2 GLC B . -12.72 5.18 -4.63
HO3 GLC B . -15.63 5.42 -6.16
HO6 GLC B . -11.65 7.53 -11.16
C1 GLC B . -15.84 6.68 -10.00
C2 GLC B . -17.34 6.46 -9.85
C3 GLC B . -17.90 5.44 -10.78
C4 GLC B . -17.62 5.66 -12.24
C5 GLC B . -16.10 5.87 -12.34
C6 GLC B . -15.63 6.16 -13.74
O2 GLC B . -17.56 6.09 -8.46
O3 GLC B . -19.35 5.50 -10.60
O4 GLC B . -17.90 4.55 -13.14
O5 GLC B . -15.56 6.95 -11.46
O6 GLC B . -15.83 7.50 -13.98
H1 GLC B . -15.53 7.40 -9.44
H2 GLC B . -17.82 7.28 -10.04
H3 GLC B . -17.53 4.57 -10.56
H4 GLC B . -18.20 6.39 -12.54
H5 GLC B . -15.73 5.02 -12.07
H61 GLC B . -16.14 5.62 -14.38
H62 GLC B . -14.69 5.94 -13.82
HO2 GLC B . -18.07 6.67 -8.08
HO3 GLC B . -19.57 5.06 -9.91
HO6 GLC B . -15.46 7.72 -14.71
C1 GLC B . -19.25 4.30 -13.31
C2 GLC B . -19.42 2.79 -13.52
C3 GLC B . -18.93 2.09 -14.75
C4 GLC B . -18.78 3.15 -15.76
C5 GLC B . -19.94 4.19 -15.68
C6 GLC B . -21.26 3.50 -15.78
O2 GLC B . -18.63 2.26 -12.48
O3 GLC B . -19.87 1.03 -15.15
O4 GLC B . -17.53 3.79 -15.47
O5 GLC B . -19.87 5.00 -14.43
O6 GLC B . -22.32 4.46 -15.79
H1 GLC B . -19.66 4.66 -12.50
H2 GLC B . -20.37 2.63 -13.56
H3 GLC B . -18.09 1.60 -14.64
H4 GLC B . -18.80 2.80 -16.66
H5 GLC B . -19.86 4.80 -16.43
H61 GLC B . -21.38 2.90 -15.03
H62 GLC B . -21.29 2.99 -16.61
HO2 GLC B . -17.85 2.10 -12.77
HO3 GLC B . -19.47 0.45 -15.61
HO4 GLC B . -16.96 3.57 -16.07
HO6 GLC B . -23.08 4.07 -15.68
CA CA C . 15.37 -1.98 0.77
CA CA D . -10.51 -6.87 -15.18
C1 EDO E . -2.15 18.23 2.28
O1 EDO E . -0.87 18.69 2.77
C2 EDO E . -2.75 19.25 1.30
O2 EDO E . -4.19 19.15 1.29
H11 EDO E . -2.03 17.27 1.78
H12 EDO E . -2.83 18.10 3.13
HO1 EDO E . -0.61 18.15 3.54
H21 EDO E . -2.46 20.27 1.61
H22 EDO E . -2.36 19.07 0.30
HO2 EDO E . -4.54 19.79 0.67
C1 EDO F . 1.40 10.06 28.57
O1 EDO F . 1.20 8.70 28.17
C2 EDO F . 0.17 10.91 28.22
O2 EDO F . 0.41 12.27 28.59
H11 EDO F . 1.56 10.10 29.65
H12 EDO F . 2.28 10.47 28.09
HO1 EDO F . 1.99 8.17 28.40
H21 EDO F . -0.02 10.85 27.14
H22 EDO F . -0.71 10.53 28.74
HO2 EDO F . -0.37 12.81 28.39
#